data_8RW8
#
_entry.id   8RW8
#
_cell.length_a   30.570
_cell.length_b   39.830
_cell.length_c   73.340
_cell.angle_alpha   90.00
_cell.angle_beta   90.00
_cell.angle_gamma   90.00
#
_symmetry.space_group_name_H-M   'P 21 21 21'
#
loop_
_entity.id
_entity.type
_entity.pdbx_description
1 polymer 'Basic helix-loop-helix ARNT-like protein 1'
2 non-polymer (2~{S})-3-[(4-ethyl-1-benzofuran-7-yl)oxy]-2-fluoranyl-propan-1-ol
3 non-polymer (2~{R})-3-[(4-ethyl-1-benzofuran-7-yl)oxy]-2-fluoranyl-propan-1-ol
4 water water
#
_entity_poly.entity_id   1
_entity_poly.type   'polypeptide(L)'
_entity_poly.pdbx_seq_one_letter_code
;GSMEYVSRHAIDGKFVFVDQRATAILAYLPQELLGTSCYEYFHQDDIGHLAECHRQVLQTREKITTNCYKFKIKDGSFIT
LRSRWFSFMNPWTKEVEYIVSTNTVVLANVLEGG
;
_entity_poly.pdbx_strand_id   B
#
# COMPACT_ATOMS: atom_id res chain seq x y z
N MET A 3 9.19 -3.56 -12.23
CA MET A 3 7.77 -3.83 -12.44
C MET A 3 6.97 -3.74 -11.13
N GLU A 4 7.50 -4.23 -10.01
CA GLU A 4 6.65 -4.21 -8.82
C GLU A 4 7.49 -4.31 -7.55
N TYR A 5 6.88 -3.90 -6.43
CA TYR A 5 7.55 -4.00 -5.14
C TYR A 5 6.50 -4.32 -4.07
N VAL A 6 6.95 -4.82 -2.93
CA VAL A 6 6.05 -5.25 -1.86
C VAL A 6 6.22 -4.33 -0.66
N SER A 7 5.09 -3.92 -0.08
CA SER A 7 5.08 -3.18 1.16
C SER A 7 4.10 -3.87 2.10
N ARG A 8 4.32 -3.66 3.40
CA ARG A 8 3.44 -4.13 4.46
C ARG A 8 2.90 -2.90 5.16
N HIS A 9 1.66 -2.95 5.61
CA HIS A 9 1.05 -1.79 6.22
C HIS A 9 0.36 -2.21 7.51
N ALA A 10 0.35 -1.31 8.47
CA ALA A 10 -0.53 -1.50 9.62
C ALA A 10 -1.98 -1.38 9.15
N ILE A 11 -2.93 -1.73 10.04
CA ILE A 11 -4.33 -1.69 9.67
C ILE A 11 -4.83 -0.28 9.37
N ASP A 12 -4.07 0.75 9.72
CA ASP A 12 -4.44 2.11 9.34
C ASP A 12 -3.75 2.61 8.07
N GLY A 13 -2.93 1.78 7.42
CA GLY A 13 -2.26 2.15 6.18
C GLY A 13 -0.83 2.64 6.32
N LYS A 14 -0.29 2.74 7.55
CA LYS A 14 1.10 3.14 7.73
C LYS A 14 2.06 2.09 7.18
N PHE A 15 3.07 2.55 6.45
CA PHE A 15 4.13 1.64 6.03
C PHE A 15 4.84 1.08 7.24
N VAL A 16 4.91 -0.25 7.34
CA VAL A 16 5.70 -0.90 8.37
C VAL A 16 6.81 -1.76 7.80
N PHE A 17 6.79 -2.03 6.50
CA PHE A 17 7.89 -2.70 5.83
C PHE A 17 7.88 -2.31 4.36
N VAL A 18 9.08 -2.13 3.81
CA VAL A 18 9.26 -1.77 2.41
C VAL A 18 10.43 -2.58 1.88
N ASP A 19 10.20 -3.39 0.86
CA ASP A 19 11.30 -4.22 0.36
C ASP A 19 12.26 -3.39 -0.49
N GLN A 20 13.37 -4.03 -0.88
CA GLN A 20 14.45 -3.27 -1.50
C GLN A 20 14.09 -2.79 -2.90
N ARG A 21 13.10 -3.39 -3.56
CA ARG A 21 12.69 -2.97 -4.89
C ARG A 21 12.01 -1.61 -4.91
N ALA A 22 11.59 -1.09 -3.76
CA ALA A 22 10.83 0.15 -3.76
C ALA A 22 11.67 1.33 -4.25
N THR A 23 12.97 1.32 -3.97
CA THR A 23 13.77 2.51 -4.26
C THR A 23 13.92 2.70 -5.77
N ALA A 24 14.22 1.63 -6.50
CA ALA A 24 14.36 1.76 -7.94
C ALA A 24 13.09 2.31 -8.57
N ILE A 25 11.94 2.04 -7.97
CA ILE A 25 10.66 2.42 -8.57
C ILE A 25 10.21 3.79 -8.12
N LEU A 26 10.33 4.09 -6.82
CA LEU A 26 9.84 5.34 -6.25
C LEU A 26 10.94 6.33 -5.93
N ALA A 27 12.21 5.91 -6.01
CA ALA A 27 13.32 6.76 -5.61
C ALA A 27 13.40 7.03 -4.10
N TYR A 28 12.38 6.68 -3.33
CA TYR A 28 12.51 6.77 -1.85
C TYR A 28 13.36 5.64 -1.34
N LEU A 29 14.23 5.94 -0.39
CA LEU A 29 14.78 4.89 0.45
C LEU A 29 13.69 4.39 1.41
N PRO A 30 13.87 3.18 1.99
CA PRO A 30 12.83 2.67 2.89
C PRO A 30 12.53 3.61 4.06
N GLN A 31 13.58 4.18 4.66
CA GLN A 31 13.40 5.06 5.81
C GLN A 31 12.67 6.37 5.48
N GLU A 32 12.51 6.73 4.21
CA GLU A 32 11.66 7.88 3.91
C GLU A 32 10.18 7.53 3.84
N LEU A 33 9.82 6.25 3.88
CA LEU A 33 8.42 5.86 3.82
C LEU A 33 7.95 5.19 5.11
N LEU A 34 8.84 4.47 5.78
CA LEU A 34 8.47 3.68 6.93
C LEU A 34 7.86 4.55 8.01
N GLY A 35 6.77 4.10 8.56
CA GLY A 35 6.12 4.85 9.60
C GLY A 35 5.27 5.99 9.11
N THR A 36 5.22 6.25 7.81
CA THR A 36 4.34 7.29 7.30
C THR A 36 3.06 6.67 6.75
N SER A 37 2.03 7.51 6.57
CA SER A 37 0.74 7.03 6.10
C SER A 37 0.72 6.87 4.58
N CYS A 38 0.20 5.73 4.11
CA CYS A 38 0.09 5.56 2.66
C CYS A 38 -0.70 6.70 2.02
N TYR A 39 -1.69 7.26 2.74
CA TYR A 39 -2.56 8.27 2.16
C TYR A 39 -1.82 9.56 1.85
N GLU A 40 -0.70 9.82 2.53
CA GLU A 40 0.07 11.03 2.23
C GLU A 40 0.62 11.05 0.82
N TYR A 41 0.64 9.91 0.13
CA TYR A 41 1.22 9.86 -1.20
C TYR A 41 0.20 9.70 -2.30
N PHE A 42 -1.08 9.58 -1.97
CA PHE A 42 -2.06 9.31 -3.01
C PHE A 42 -2.45 10.61 -3.69
N HIS A 43 -2.70 10.54 -4.99
CA HIS A 43 -3.33 11.67 -5.65
C HIS A 43 -4.74 11.84 -5.10
N GLN A 44 -5.17 13.08 -4.89
CA GLN A 44 -6.42 13.26 -4.17
C GLN A 44 -7.62 12.70 -4.92
N ASP A 45 -7.50 12.50 -6.24
CA ASP A 45 -8.55 11.86 -7.02
C ASP A 45 -8.68 10.37 -6.75
N ASP A 46 -7.66 9.75 -6.18
CA ASP A 46 -7.70 8.31 -5.92
C ASP A 46 -8.06 7.97 -4.49
N ILE A 47 -8.06 8.95 -3.58
CA ILE A 47 -8.18 8.60 -2.18
C ILE A 47 -9.50 7.88 -1.92
N GLY A 48 -10.57 8.33 -2.57
CA GLY A 48 -11.89 7.77 -2.29
C GLY A 48 -11.96 6.28 -2.56
N HIS A 49 -11.54 5.84 -3.77
CA HIS A 49 -11.63 4.41 -4.03
C HIS A 49 -10.58 3.63 -3.25
N LEU A 50 -9.38 4.20 -3.04
CA LEU A 50 -8.42 3.52 -2.18
C LEU A 50 -8.95 3.34 -0.75
N ALA A 51 -9.63 4.35 -0.19
CA ALA A 51 -10.21 4.18 1.14
C ALA A 51 -11.33 3.13 1.16
N GLU A 52 -12.05 3.01 0.06
CA GLU A 52 -13.06 1.97 -0.04
C GLU A 52 -12.43 0.59 -0.02
N CYS A 53 -11.30 0.40 -0.72
CA CYS A 53 -10.60 -0.88 -0.63
C CYS A 53 -10.09 -1.10 0.77
N HIS A 54 -9.63 -0.02 1.42
CA HIS A 54 -9.20 -0.12 2.80
C HIS A 54 -10.28 -0.76 3.66
N ARG A 55 -11.50 -0.22 3.58
CA ARG A 55 -12.60 -0.77 4.39
C ARG A 55 -12.88 -2.22 4.04
N GLN A 56 -12.65 -2.62 2.79
CA GLN A 56 -13.00 -3.97 2.37
C GLN A 56 -11.90 -4.97 2.72
N VAL A 57 -10.63 -4.60 2.58
CA VAL A 57 -9.57 -5.58 2.85
C VAL A 57 -9.54 -5.96 4.33
N LEU A 58 -10.05 -5.10 5.19
CA LEU A 58 -10.10 -5.40 6.61
C LEU A 58 -11.17 -6.42 6.95
N GLN A 59 -12.12 -6.69 6.06
CA GLN A 59 -13.28 -7.55 6.35
C GLN A 59 -13.25 -8.88 5.61
N THR A 60 -12.16 -9.19 4.92
CA THR A 60 -12.08 -10.40 4.10
C THR A 60 -10.62 -10.78 3.99
N ARG A 61 -10.38 -12.08 3.79
CA ARG A 61 -9.06 -12.61 3.50
C ARG A 61 -8.80 -12.77 2.02
N GLU A 62 -9.80 -12.52 1.18
CA GLU A 62 -9.62 -12.67 -0.25
C GLU A 62 -8.82 -11.49 -0.80
N LYS A 63 -7.99 -11.77 -1.80
CA LYS A 63 -7.21 -10.74 -2.46
C LYS A 63 -8.10 -9.58 -2.89
N ILE A 64 -7.79 -8.38 -2.40
CA ILE A 64 -8.37 -7.15 -2.92
C ILE A 64 -7.40 -6.57 -3.94
N THR A 65 -7.89 -6.27 -5.13
CA THR A 65 -7.10 -5.64 -6.17
C THR A 65 -7.59 -4.21 -6.35
N THR A 66 -6.68 -3.24 -6.23
CA THR A 66 -7.11 -1.86 -6.36
C THR A 66 -7.36 -1.52 -7.82
N ASN A 67 -8.14 -0.46 -8.03
CA ASN A 67 -8.08 0.26 -9.28
C ASN A 67 -6.66 0.81 -9.48
N CYS A 68 -6.38 1.25 -10.70
CA CYS A 68 -5.19 2.07 -10.88
C CYS A 68 -5.29 3.31 -9.98
N TYR A 69 -4.13 3.83 -9.58
CA TYR A 69 -4.12 5.03 -8.77
C TYR A 69 -2.76 5.68 -8.91
N LYS A 70 -2.68 6.95 -8.51
CA LYS A 70 -1.44 7.70 -8.68
C LYS A 70 -0.73 7.86 -7.34
N PHE A 71 0.59 7.75 -7.36
CA PHE A 71 1.42 7.74 -6.16
C PHE A 71 2.54 8.74 -6.39
N LYS A 72 2.73 9.63 -5.42
CA LYS A 72 3.70 10.72 -5.53
C LYS A 72 5.10 10.20 -5.19
N ILE A 73 6.04 10.33 -6.14
CA ILE A 73 7.38 9.80 -5.86
C ILE A 73 8.28 10.92 -5.37
N LYS A 74 9.54 10.60 -5.11
CA LYS A 74 10.42 11.52 -4.40
C LYS A 74 10.56 12.85 -5.13
N ASP A 75 10.48 12.85 -6.47
CA ASP A 75 10.68 14.10 -7.21
C ASP A 75 9.43 14.94 -7.35
N GLY A 76 8.34 14.54 -6.71
CA GLY A 76 7.09 15.28 -6.75
C GLY A 76 6.12 14.80 -7.80
N SER A 77 6.59 14.12 -8.83
CA SER A 77 5.70 13.64 -9.86
C SER A 77 4.90 12.44 -9.33
N PHE A 78 3.94 12.00 -10.13
CA PHE A 78 3.10 10.84 -9.82
C PHE A 78 3.35 9.72 -10.82
N ILE A 79 3.42 8.50 -10.33
CA ILE A 79 3.39 7.32 -11.17
C ILE A 79 2.09 6.59 -10.90
N THR A 80 1.71 5.74 -11.86
CA THR A 80 0.48 4.98 -11.79
C THR A 80 0.79 3.57 -11.33
N LEU A 81 0.11 3.13 -10.27
CA LEU A 81 0.28 1.81 -9.70
C LEU A 81 -1.05 1.07 -9.74
N ARG A 82 -0.96 -0.24 -9.57
CA ARG A 82 -2.08 -1.11 -9.25
C ARG A 82 -1.57 -2.08 -8.20
N SER A 83 -2.35 -2.33 -7.14
CA SER A 83 -1.89 -3.14 -6.02
C SER A 83 -2.79 -4.34 -5.76
N ARG A 84 -2.20 -5.38 -5.18
CA ARG A 84 -2.90 -6.57 -4.71
C ARG A 84 -2.70 -6.69 -3.21
N TRP A 85 -3.79 -6.68 -2.43
CA TRP A 85 -3.70 -6.68 -0.98
C TRP A 85 -4.20 -7.98 -0.39
N PHE A 86 -3.48 -8.48 0.61
CA PHE A 86 -3.95 -9.55 1.47
C PHE A 86 -3.81 -9.06 2.90
N SER A 87 -4.93 -9.01 3.62
CA SER A 87 -4.93 -8.74 5.05
C SER A 87 -4.73 -10.06 5.79
N PHE A 88 -3.74 -10.10 6.68
CA PHE A 88 -3.40 -11.30 7.43
C PHE A 88 -4.02 -11.24 8.83
N MET A 89 -4.75 -12.28 9.19
CA MET A 89 -5.39 -12.40 10.48
C MET A 89 -4.60 -13.36 11.37
N ASN A 90 -4.21 -12.89 12.54
CA ASN A 90 -3.65 -13.81 13.52
C ASN A 90 -4.63 -14.96 13.74
N PRO A 91 -4.23 -16.22 13.52
CA PRO A 91 -5.20 -17.31 13.68
C PRO A 91 -5.66 -17.48 15.13
N TRP A 92 -4.79 -17.15 16.09
CA TRP A 92 -5.13 -17.29 17.50
C TRP A 92 -6.08 -16.18 17.95
N THR A 93 -5.59 -14.94 17.97
CA THR A 93 -6.34 -13.79 18.45
C THR A 93 -7.49 -13.38 17.54
N LYS A 94 -7.48 -13.84 16.28
CA LYS A 94 -8.54 -13.49 15.34
C LYS A 94 -8.53 -12.00 15.00
N GLU A 95 -7.37 -11.36 15.00
CA GLU A 95 -7.30 -9.95 14.60
C GLU A 95 -6.34 -9.76 13.44
N VAL A 96 -6.63 -8.77 12.62
CA VAL A 96 -5.80 -8.45 11.47
C VAL A 96 -4.61 -7.65 11.96
N GLU A 97 -3.41 -8.14 11.72
CA GLU A 97 -2.20 -7.48 12.20
C GLU A 97 -1.50 -6.65 11.13
N TYR A 98 -1.72 -6.94 9.85
CA TYR A 98 -1.15 -6.12 8.80
C TYR A 98 -1.74 -6.55 7.46
N ILE A 99 -1.46 -5.73 6.46
CA ILE A 99 -1.84 -5.98 5.08
C ILE A 99 -0.58 -5.99 4.23
N VAL A 100 -0.44 -7.01 3.38
CA VAL A 100 0.68 -7.10 2.45
C VAL A 100 0.18 -6.59 1.10
N SER A 101 0.87 -5.58 0.58
CA SER A 101 0.49 -4.91 -0.65
C SER A 101 1.57 -5.14 -1.70
N THR A 102 1.20 -5.83 -2.77
CA THR A 102 2.09 -5.92 -3.93
C THR A 102 1.72 -4.81 -4.90
N ASN A 103 2.70 -3.97 -5.23
CA ASN A 103 2.48 -2.71 -5.91
C ASN A 103 3.13 -2.76 -7.29
N THR A 104 2.31 -2.73 -8.34
CA THR A 104 2.78 -2.89 -9.71
C THR A 104 2.72 -1.57 -10.48
N VAL A 105 3.82 -1.24 -11.16
CA VAL A 105 3.86 -0.03 -11.98
C VAL A 105 2.91 -0.16 -13.18
N VAL A 106 2.16 0.91 -13.43
CA VAL A 106 1.17 1.09 -14.52
C VAL A 106 0.49 -0.18 -14.99
#